data_5ZRK
#
_entry.id   5ZRK
#
_cell.length_a   31.780
_cell.length_b   72.720
_cell.length_c   58.320
_cell.angle_alpha   90.00
_cell.angle_beta   105.36
_cell.angle_gamma   90.00
#
_symmetry.space_group_name_H-M   'P 1 21 1'
#
loop_
_entity.id
_entity.type
_entity.pdbx_description
1 polymer 'Putative mutator protein MutT2/NUDIX hydrolase'
2 non-polymer "2'-DEOXYCYTIDINE-5'-TRIPHOSPHATE"
3 water water
#
_entity_poly.entity_id   1
_entity_poly.type   'polypeptide(L)'
_entity_poly.pdbx_seq_one_letter_code
;MGSSHHHHHHSSGLVPRGSHMTKQIVVAGALISRGTLLVAQRDRPAELAGLWELPGGKVTPGESDADALARELREELGVD
VAVGERLGADVALNDAMTLRAYRVTLRSGSPHPHDHRALRWVGADEIDGLAWVPADRAWVPDLVAALSGR
;
_entity_poly.pdbx_strand_id   A,B
#
# COMPACT_ATOMS: atom_id res chain seq x y z
N MET A 21 15.35 -23.62 -20.37
CA MET A 21 16.15 -22.57 -21.08
C MET A 21 17.40 -22.16 -20.30
N THR A 22 17.41 -22.34 -18.98
CA THR A 22 18.62 -22.04 -18.21
C THR A 22 18.99 -23.16 -17.23
N LYS A 23 20.19 -23.03 -16.66
CA LYS A 23 20.69 -23.99 -15.68
C LYS A 23 20.30 -23.60 -14.24
N GLN A 24 20.06 -22.31 -13.98
CA GLN A 24 19.77 -21.85 -12.62
C GLN A 24 18.35 -21.33 -12.48
N ILE A 25 17.67 -21.80 -11.45
CA ILE A 25 16.33 -21.35 -11.18
C ILE A 25 16.30 -20.57 -9.86
N VAL A 26 15.50 -19.52 -9.87
CA VAL A 26 15.18 -18.73 -8.67
C VAL A 26 13.69 -18.92 -8.45
N VAL A 27 13.33 -19.41 -7.26
CA VAL A 27 11.93 -19.62 -6.93
C VAL A 27 11.41 -18.50 -6.01
N ALA A 28 10.15 -18.15 -6.20
CA ALA A 28 9.52 -17.09 -5.46
C ALA A 28 8.15 -17.52 -5.03
N GLY A 29 7.70 -17.01 -3.88
CA GLY A 29 6.41 -17.41 -3.35
C GLY A 29 5.38 -16.32 -3.38
N ALA A 30 4.16 -16.68 -3.80
CA ALA A 30 2.97 -15.82 -3.72
C ALA A 30 2.13 -16.30 -2.56
N LEU A 31 2.34 -15.66 -1.41
CA LEU A 31 1.69 -16.05 -0.18
C LEU A 31 0.45 -15.22 -0.02
N ILE A 32 -0.70 -15.87 -0.13
CA ILE A 32 -1.94 -15.18 0.00
C ILE A 32 -2.58 -15.61 1.31
N SER A 33 -2.93 -14.63 2.13
CA SER A 33 -3.60 -14.85 3.41
C SER A 33 -4.65 -13.77 3.64
N ARG A 34 -5.85 -14.20 4.07
CA ARG A 34 -6.96 -13.26 4.28
C ARG A 34 -7.17 -12.32 3.10
N GLY A 35 -7.10 -12.85 1.88
CA GLY A 35 -7.43 -12.06 0.70
C GLY A 35 -6.37 -11.03 0.31
N THR A 36 -5.16 -11.16 0.85
CA THR A 36 -4.10 -10.24 0.48
C THR A 36 -2.83 -11.02 0.22
N LEU A 37 -1.93 -10.38 -0.53
CA LEU A 37 -0.70 -10.96 -0.97
C LEU A 37 0.46 -10.35 -0.14
N LEU A 38 1.39 -11.18 0.31
CA LEU A 38 2.62 -10.69 0.89
C LEU A 38 3.61 -10.25 -0.18
N VAL A 39 4.05 -9.01 -0.07
CA VAL A 39 5.13 -8.51 -0.88
C VAL A 39 6.24 -8.00 0.03
N ALA A 40 7.46 -8.06 -0.48
CA ALA A 40 8.65 -7.86 0.32
C ALA A 40 9.57 -6.86 -0.39
N GLN A 41 10.05 -5.84 0.33
CA GLN A 41 10.82 -4.78 -0.29
C GLN A 41 12.28 -5.10 -0.20
N ARG A 42 12.93 -5.31 -1.34
CA ARG A 42 14.35 -5.65 -1.32
C ARG A 42 15.20 -4.57 -0.67
N ASP A 43 16.30 -5.02 -0.08
CA ASP A 43 17.29 -4.12 0.51
C ASP A 43 18.63 -4.17 -0.23
N ARG A 44 18.74 -5.03 -1.25
CA ARG A 44 19.97 -5.24 -1.98
C ARG A 44 19.66 -5.99 -3.28
N PRO A 45 20.55 -5.93 -4.27
CA PRO A 45 21.64 -4.98 -4.39
C PRO A 45 21.08 -3.61 -4.69
N ALA A 46 21.96 -2.64 -4.95
CA ALA A 46 21.51 -1.26 -5.10
C ALA A 46 20.42 -1.11 -6.17
N GLU A 47 20.58 -1.84 -7.27
CA GLU A 47 19.67 -1.70 -8.42
C GLU A 47 18.24 -2.17 -8.14
N LEU A 48 18.05 -2.97 -7.08
CA LEU A 48 16.71 -3.48 -6.74
C LEU A 48 16.24 -3.03 -5.35
N ALA A 49 17.18 -2.47 -4.56
CA ALA A 49 16.86 -2.05 -3.20
C ALA A 49 15.79 -0.96 -3.25
N GLY A 50 14.73 -1.17 -2.50
CA GLY A 50 13.59 -0.26 -2.53
C GLY A 50 12.42 -0.71 -3.36
N LEU A 51 12.65 -1.74 -4.17
CA LEU A 51 11.61 -2.29 -5.03
C LEU A 51 11.04 -3.56 -4.41
N TRP A 52 9.85 -3.91 -4.84
CA TRP A 52 9.07 -4.97 -4.21
C TRP A 52 9.10 -6.28 -5.01
N GLU A 53 9.07 -7.38 -4.29
CA GLU A 53 9.15 -8.70 -4.92
C GLU A 53 8.27 -9.72 -4.22
N LEU A 54 8.06 -10.84 -4.90
CA LEU A 54 7.71 -12.08 -4.23
C LEU A 54 8.98 -12.69 -3.62
N PRO A 55 9.02 -12.89 -2.31
CA PRO A 55 10.23 -13.39 -1.68
C PRO A 55 10.56 -14.82 -2.12
N GLY A 56 11.85 -15.14 -2.15
CA GLY A 56 12.30 -16.45 -2.44
C GLY A 56 13.79 -16.45 -2.62
N GLY A 57 14.31 -17.30 -3.50
CA GLY A 57 15.76 -17.38 -3.68
C GLY A 57 16.16 -18.50 -4.61
N LYS A 58 17.46 -18.68 -4.75
CA LYS A 58 17.99 -19.66 -5.72
C LYS A 58 17.78 -21.09 -5.24
N VAL A 59 17.45 -21.98 -6.16
CA VAL A 59 17.44 -23.40 -5.86
C VAL A 59 18.91 -23.88 -5.85
N THR A 60 19.34 -24.46 -4.73
CA THR A 60 20.72 -24.92 -4.61
C THR A 60 20.84 -26.41 -4.91
N PRO A 61 22.07 -26.89 -5.15
CA PRO A 61 22.23 -28.27 -5.60
C PRO A 61 21.61 -29.31 -4.65
N GLY A 62 20.80 -30.21 -5.19
CA GLY A 62 20.17 -31.24 -4.39
C GLY A 62 18.73 -30.93 -4.04
N GLU A 63 18.34 -29.66 -4.17
CA GLU A 63 17.02 -29.21 -3.70
C GLU A 63 15.96 -29.32 -4.81
N SER A 64 14.76 -29.73 -4.41
CA SER A 64 13.60 -29.48 -5.24
C SER A 64 13.17 -28.01 -5.15
N ASP A 65 12.31 -27.59 -6.07
CA ASP A 65 11.78 -26.23 -6.02
C ASP A 65 11.08 -25.99 -4.70
N ALA A 66 10.28 -26.95 -4.24
CA ALA A 66 9.56 -26.80 -2.99
C ALA A 66 10.50 -26.71 -1.80
N ASP A 67 11.56 -27.50 -1.80
CA ASP A 67 12.54 -27.50 -0.68
C ASP A 67 13.12 -26.09 -0.60
N ALA A 68 13.57 -25.60 -1.75
CA ALA A 68 14.29 -24.32 -1.81
C ALA A 68 13.38 -23.17 -1.39
N LEU A 69 12.15 -23.16 -1.90
CA LEU A 69 11.25 -22.09 -1.58
C LEU A 69 10.87 -22.10 -0.10
N ALA A 70 10.49 -23.26 0.42
CA ALA A 70 10.14 -23.31 1.83
C ALA A 70 11.31 -22.88 2.71
N ARG A 71 12.51 -23.28 2.32
CA ARG A 71 13.72 -22.92 3.07
C ARG A 71 13.95 -21.41 3.02
N GLU A 72 13.84 -20.82 1.84
CA GLU A 72 14.02 -19.38 1.70
C GLU A 72 13.00 -18.59 2.49
N LEU A 73 11.76 -19.05 2.50
CA LEU A 73 10.75 -18.31 3.24
C LEU A 73 10.93 -18.48 4.76
N ARG A 74 11.44 -19.64 5.19
CA ARG A 74 11.74 -19.84 6.59
C ARG A 74 12.90 -18.91 7.00
N GLU A 75 13.92 -18.83 6.15
CA GLU A 75 15.11 -18.05 6.45
C GLU A 75 14.79 -16.56 6.40
N GLU A 76 14.09 -16.14 5.35
CA GLU A 76 13.89 -14.72 5.14
C GLU A 76 12.78 -14.14 5.99
N LEU A 77 11.74 -14.94 6.23
CA LEU A 77 10.53 -14.45 6.86
C LEU A 77 10.17 -15.06 8.19
N GLY A 78 10.76 -16.22 8.51
CA GLY A 78 10.44 -16.94 9.73
C GLY A 78 9.10 -17.64 9.71
N VAL A 79 8.66 -18.03 8.51
CA VAL A 79 7.38 -18.73 8.38
C VAL A 79 7.57 -20.12 7.77
N ASP A 80 6.57 -20.98 8.05
CA ASP A 80 6.46 -22.29 7.43
C ASP A 80 5.31 -22.26 6.43
N VAL A 81 5.63 -22.63 5.21
CA VAL A 81 4.65 -22.65 4.14
C VAL A 81 4.54 -24.01 3.49
N ALA A 82 3.37 -24.26 2.94
CA ALA A 82 3.16 -25.34 1.99
C ALA A 82 3.25 -24.77 0.59
N VAL A 83 4.00 -25.44 -0.27
CA VAL A 83 4.22 -24.98 -1.64
C VAL A 83 3.19 -25.64 -2.56
N GLY A 84 2.44 -24.80 -3.29
CA GLY A 84 1.38 -25.25 -4.16
C GLY A 84 1.73 -25.21 -5.64
N GLU A 85 0.77 -24.75 -6.43
CA GLU A 85 0.87 -24.77 -7.89
C GLU A 85 1.73 -23.60 -8.37
N ARG A 86 2.30 -23.73 -9.56
CA ARG A 86 2.95 -22.60 -10.23
C ARG A 86 1.98 -21.47 -10.38
N LEU A 87 2.51 -20.24 -10.25
CA LEU A 87 1.76 -19.04 -10.54
C LEU A 87 2.41 -18.33 -11.71
N GLY A 88 1.64 -18.21 -12.78
CA GLY A 88 2.10 -17.44 -13.93
C GLY A 88 3.25 -18.09 -14.67
N ALA A 89 3.81 -17.32 -15.60
CA ALA A 89 4.82 -17.84 -16.50
C ALA A 89 6.20 -17.72 -15.88
N ASP A 90 7.11 -18.59 -16.28
CA ASP A 90 8.50 -18.39 -15.93
C ASP A 90 9.00 -17.12 -16.59
N VAL A 91 9.96 -16.47 -15.94
CA VAL A 91 10.57 -15.23 -16.46
C VAL A 91 12.06 -15.46 -16.65
N ALA A 92 12.57 -15.15 -17.83
CA ALA A 92 14.03 -15.14 -18.04
C ALA A 92 14.65 -13.90 -17.41
N LEU A 93 15.45 -14.09 -16.38
CA LEU A 93 16.08 -12.92 -15.71
C LEU A 93 17.24 -12.43 -16.53
N ASN A 94 18.03 -13.39 -16.94
CA ASN A 94 19.17 -13.10 -17.78
C ASN A 94 19.51 -14.40 -18.45
N ASP A 95 20.66 -14.45 -19.11
CA ASP A 95 21.04 -15.63 -19.86
C ASP A 95 21.35 -16.83 -18.94
N ALA A 96 21.41 -16.61 -17.62
CA ALA A 96 21.82 -17.67 -16.69
C ALA A 96 20.68 -18.17 -15.79
N MET A 97 19.66 -17.35 -15.59
CA MET A 97 18.65 -17.63 -14.56
C MET A 97 17.23 -17.51 -15.07
N THR A 98 16.39 -18.41 -14.55
CA THR A 98 14.96 -18.36 -14.75
C THR A 98 14.31 -18.14 -13.40
N LEU A 99 13.28 -17.28 -13.38
CA LEU A 99 12.51 -16.98 -12.18
C LEU A 99 11.11 -17.59 -12.29
N ARG A 100 10.73 -18.32 -11.24
CA ARG A 100 9.47 -19.02 -11.19
C ARG A 100 8.79 -18.71 -9.87
N ALA A 101 7.50 -18.40 -9.96
CA ALA A 101 6.65 -18.25 -8.82
C ALA A 101 5.77 -19.47 -8.55
N TYR A 102 5.58 -19.73 -7.26
CA TYR A 102 4.59 -20.71 -6.80
C TYR A 102 3.65 -20.05 -5.83
N ARG A 103 2.39 -20.47 -5.85
CA ARG A 103 1.47 -20.15 -4.77
C ARG A 103 1.95 -20.89 -3.52
N VAL A 104 1.91 -20.21 -2.38
CA VAL A 104 2.22 -20.84 -1.11
C VAL A 104 1.18 -20.46 -0.05
N THR A 105 0.99 -21.34 0.91
CA THR A 105 0.03 -21.11 1.96
C THR A 105 0.76 -21.15 3.28
N LEU A 106 0.39 -20.21 4.12
CA LEU A 106 0.98 -20.06 5.43
C LEU A 106 0.46 -21.14 6.36
N ARG A 107 1.38 -21.97 6.84
CA ARG A 107 1.03 -22.98 7.84
C ARG A 107 1.24 -22.49 9.26
N SER A 108 2.39 -21.85 9.48
CA SER A 108 2.77 -21.40 10.82
C SER A 108 3.66 -20.16 10.75
N GLY A 109 3.46 -19.22 11.68
CA GLY A 109 4.31 -18.04 11.79
C GLY A 109 3.69 -16.76 11.29
N SER A 110 4.31 -15.62 11.64
CA SER A 110 3.98 -14.31 11.07
C SER A 110 5.20 -13.80 10.36
N PRO A 111 5.07 -13.42 9.08
CA PRO A 111 6.24 -12.92 8.37
C PRO A 111 6.93 -11.77 9.08
N HIS A 112 8.26 -11.83 9.13
CA HIS A 112 9.10 -10.77 9.66
C HIS A 112 10.21 -10.46 8.65
N PRO A 113 10.57 -9.17 8.51
CA PRO A 113 11.57 -8.84 7.51
C PRO A 113 13.00 -9.00 7.99
N HIS A 114 13.47 -10.24 8.03
CA HIS A 114 14.86 -10.50 8.40
C HIS A 114 15.85 -10.01 7.40
N ASP A 115 15.47 -10.04 6.12
CA ASP A 115 16.40 -9.69 5.03
C ASP A 115 15.94 -8.54 4.19
N HIS A 116 14.66 -8.26 4.26
CA HIS A 116 14.04 -7.23 3.50
C HIS A 116 13.95 -5.92 4.28
N ARG A 117 13.85 -4.85 3.53
CA ARG A 117 13.67 -3.52 4.08
C ARG A 117 12.29 -3.36 4.73
N ALA A 118 11.29 -4.03 4.20
CA ALA A 118 9.90 -3.89 4.65
C ALA A 118 9.07 -5.02 4.05
N LEU A 119 7.94 -5.29 4.68
CA LEU A 119 6.94 -6.21 4.18
C LEU A 119 5.62 -5.45 4.11
N ARG A 120 4.72 -5.91 3.25
CA ARG A 120 3.42 -5.28 3.07
C ARG A 120 2.45 -6.33 2.55
N TRP A 121 1.21 -6.27 3.03
CA TRP A 121 0.13 -7.08 2.51
C TRP A 121 -0.70 -6.21 1.56
N VAL A 122 -0.82 -6.66 0.32
CA VAL A 122 -1.50 -5.89 -0.70
C VAL A 122 -2.69 -6.63 -1.30
N GLY A 123 -3.76 -5.87 -1.54
CA GLY A 123 -4.94 -6.38 -2.21
C GLY A 123 -4.87 -6.18 -3.71
N ALA A 124 -5.93 -6.63 -4.38
CA ALA A 124 -5.99 -6.59 -5.82
C ALA A 124 -5.86 -5.17 -6.36
N ASP A 125 -6.35 -4.20 -5.59
CA ASP A 125 -6.33 -2.80 -5.98
C ASP A 125 -4.94 -2.15 -5.91
N GLU A 126 -3.97 -2.86 -5.33
CA GLU A 126 -2.64 -2.34 -5.15
C GLU A 126 -1.61 -2.99 -6.05
N ILE A 127 -1.94 -4.14 -6.62
CA ILE A 127 -0.95 -4.94 -7.34
C ILE A 127 -0.38 -4.21 -8.53
N ASP A 128 -1.26 -3.60 -9.33
CA ASP A 128 -0.80 -2.97 -10.58
C ASP A 128 0.19 -1.81 -10.33
N GLY A 129 -0.06 -1.07 -9.27
CA GLY A 129 0.63 0.19 -9.04
C GLY A 129 1.83 0.07 -8.15
N LEU A 130 2.05 -1.11 -7.60
CA LEU A 130 3.21 -1.34 -6.74
C LEU A 130 4.55 -1.15 -7.48
N ALA A 131 5.57 -0.64 -6.77
CA ALA A 131 6.90 -0.51 -7.33
C ALA A 131 7.66 -1.83 -7.37
N TRP A 132 7.23 -2.71 -8.29
CA TRP A 132 7.80 -4.01 -8.42
C TRP A 132 9.23 -3.96 -8.94
N VAL A 133 10.00 -4.95 -8.53
CA VAL A 133 11.20 -5.34 -9.28
C VAL A 133 10.76 -5.70 -10.70
N PRO A 134 11.58 -5.34 -11.69
CA PRO A 134 11.06 -5.42 -13.05
C PRO A 134 10.58 -6.83 -13.46
N ALA A 135 11.33 -7.86 -13.09
CA ALA A 135 11.00 -9.22 -13.52
C ALA A 135 9.62 -9.62 -13.01
N ASP A 136 9.28 -9.23 -11.78
CA ASP A 136 8.05 -9.70 -11.14
C ASP A 136 6.82 -9.08 -11.72
N ARG A 137 6.98 -7.98 -12.45
CA ARG A 137 5.80 -7.24 -12.93
C ARG A 137 4.95 -8.06 -13.92
N ALA A 138 5.57 -8.99 -14.65
CA ALA A 138 4.81 -9.88 -15.54
C ALA A 138 3.76 -10.73 -14.80
N TRP A 139 3.91 -10.89 -13.49
CA TRP A 139 2.96 -11.70 -12.71
C TRP A 139 1.71 -10.92 -12.27
N VAL A 140 1.68 -9.61 -12.49
CA VAL A 140 0.55 -8.81 -12.02
C VAL A 140 -0.84 -9.41 -12.30
N PRO A 141 -1.12 -9.78 -13.57
CA PRO A 141 -2.46 -10.33 -13.84
C PRO A 141 -2.73 -11.62 -13.09
N ASP A 142 -1.70 -12.46 -12.99
CA ASP A 142 -1.83 -13.72 -12.29
C ASP A 142 -2.07 -13.54 -10.81
N LEU A 143 -1.42 -12.54 -10.24
CA LEU A 143 -1.59 -12.23 -8.82
C LEU A 143 -2.98 -11.65 -8.54
N VAL A 144 -3.43 -10.75 -9.40
CA VAL A 144 -4.77 -10.17 -9.26
C VAL A 144 -5.82 -11.28 -9.38
N ALA A 145 -5.66 -12.17 -10.36
CA ALA A 145 -6.57 -13.30 -10.50
C ALA A 145 -6.59 -14.18 -9.24
N ALA A 146 -5.41 -14.49 -8.73
CA ALA A 146 -5.29 -15.31 -7.53
C ALA A 146 -6.01 -14.68 -6.33
N LEU A 147 -5.96 -13.38 -6.23
CA LEU A 147 -6.61 -12.67 -5.11
C LEU A 147 -8.12 -12.57 -5.32
N SER A 148 -8.57 -12.80 -6.55
CA SER A 148 -9.99 -12.75 -6.85
C SER A 148 -10.51 -14.16 -7.09
N GLY A 149 -10.05 -15.11 -6.26
CA GLY A 149 -10.41 -16.52 -6.42
C GLY A 149 -9.18 -17.40 -6.66
N LYS B 23 -22.40 28.81 2.35
CA LYS B 23 -21.99 27.40 2.08
C LYS B 23 -21.40 26.77 3.36
N GLN B 24 -21.70 25.49 3.62
CA GLN B 24 -21.02 24.75 4.69
C GLN B 24 -19.63 24.40 4.23
N ILE B 25 -18.68 24.40 5.14
CA ILE B 25 -17.30 24.04 4.81
C ILE B 25 -17.04 22.65 5.38
N VAL B 26 -16.42 21.81 4.55
CA VAL B 26 -15.93 20.50 4.96
C VAL B 26 -14.42 20.62 4.89
N VAL B 27 -13.76 20.36 6.03
CA VAL B 27 -12.30 20.40 6.08
C VAL B 27 -11.72 18.99 5.99
N ALA B 28 -10.52 18.92 5.43
CA ALA B 28 -9.82 17.66 5.23
C ALA B 28 -8.35 17.88 5.51
N GLY B 29 -7.69 16.84 5.98
CA GLY B 29 -6.29 16.96 6.38
C GLY B 29 -5.35 16.14 5.49
N ALA B 30 -4.24 16.76 5.11
CA ALA B 30 -3.15 16.12 4.40
C ALA B 30 -2.02 15.91 5.41
N LEU B 31 -1.93 14.69 5.91
CA LEU B 31 -0.95 14.31 6.90
C LEU B 31 0.17 13.58 6.20
N ILE B 32 1.33 14.20 6.17
CA ILE B 32 2.49 13.61 5.57
C ILE B 32 3.49 13.25 6.67
N SER B 33 3.89 11.99 6.71
CA SER B 33 4.83 11.52 7.72
C SER B 33 5.82 10.58 7.04
N ARG B 34 7.10 10.78 7.30
CA ARG B 34 8.16 9.97 6.70
C ARG B 34 8.01 9.77 5.17
N GLY B 35 7.68 10.84 4.43
CA GLY B 35 7.66 10.81 2.96
C GLY B 35 6.41 10.15 2.34
N THR B 36 5.39 9.93 3.14
CA THR B 36 4.16 9.34 2.62
C THR B 36 2.94 10.10 3.16
N LEU B 37 1.84 9.98 2.43
CA LEU B 37 0.59 10.65 2.76
C LEU B 37 -0.41 9.63 3.34
N LEU B 38 -1.08 10.02 4.41
CA LEU B 38 -2.17 9.21 4.95
C LEU B 38 -3.43 9.44 4.09
N VAL B 39 -3.98 8.34 3.60
CA VAL B 39 -5.25 8.38 2.89
C VAL B 39 -6.23 7.41 3.53
N ALA B 40 -7.51 7.75 3.46
CA ALA B 40 -8.55 7.05 4.19
C ALA B 40 -9.68 6.64 3.24
N GLN B 41 -10.07 5.36 3.33
CA GLN B 41 -11.04 4.83 2.40
C GLN B 41 -12.45 4.98 2.98
N ARG B 42 -13.31 5.74 2.31
CA ARG B 42 -14.67 5.91 2.76
C ARG B 42 -15.46 4.61 2.81
N ASP B 43 -16.40 4.54 3.74
CA ASP B 43 -17.29 3.39 3.87
C ASP B 43 -18.76 3.74 3.57
N ARG B 44 -19.03 5.01 3.25
CA ARG B 44 -20.38 5.52 3.08
C ARG B 44 -20.29 6.93 2.48
N PRO B 45 -21.36 7.38 1.80
CA PRO B 45 -22.52 6.61 1.38
C PRO B 45 -22.13 5.72 0.21
N ALA B 46 -23.10 5.01 -0.37
CA ALA B 46 -22.78 3.97 -1.32
C ALA B 46 -21.96 4.51 -2.49
N GLU B 47 -22.26 5.72 -2.94
CA GLU B 47 -21.58 6.28 -4.10
C GLU B 47 -20.12 6.66 -3.85
N LEU B 48 -19.73 6.77 -2.58
CA LEU B 48 -18.33 7.06 -2.24
C LEU B 48 -17.61 5.89 -1.51
N ALA B 49 -18.38 4.88 -1.08
CA ALA B 49 -17.81 3.77 -0.34
C ALA B 49 -16.81 3.01 -1.18
N GLY B 50 -15.62 2.79 -0.65
CA GLY B 50 -14.54 2.20 -1.42
C GLY B 50 -13.56 3.17 -2.04
N LEU B 51 -13.95 4.44 -2.07
CA LEU B 51 -13.11 5.48 -2.61
C LEU B 51 -12.33 6.22 -1.49
N TRP B 52 -11.22 6.81 -1.89
CA TRP B 52 -10.22 7.31 -0.94
C TRP B 52 -10.30 8.83 -0.83
N GLU B 53 -10.05 9.31 0.38
CA GLU B 53 -10.17 10.73 0.70
C GLU B 53 -9.10 11.19 1.66
N LEU B 54 -8.95 12.51 1.76
CA LEU B 54 -8.28 13.08 2.92
C LEU B 54 -9.32 13.21 4.04
N PRO B 55 -9.01 12.62 5.21
CA PRO B 55 -10.00 12.55 6.27
C PRO B 55 -10.28 13.89 6.89
N GLY B 56 -11.49 14.05 7.38
CA GLY B 56 -11.89 15.28 8.02
C GLY B 56 -13.37 15.30 8.28
N GLY B 57 -14.03 16.45 8.08
CA GLY B 57 -15.47 16.55 8.30
C GLY B 57 -15.95 17.99 8.31
N LYS B 58 -17.24 18.14 8.56
CA LYS B 58 -17.88 19.45 8.51
C LYS B 58 -17.38 20.36 9.64
N VAL B 59 -17.19 21.64 9.34
CA VAL B 59 -16.92 22.63 10.36
C VAL B 59 -18.28 23.02 10.93
N THR B 60 -18.49 22.75 12.21
CA THR B 60 -19.78 23.07 12.79
C THR B 60 -19.80 24.52 13.23
N PRO B 61 -20.96 25.18 13.11
CA PRO B 61 -20.99 26.57 13.59
C PRO B 61 -20.49 26.67 15.05
N GLY B 62 -19.58 27.61 15.29
CA GLY B 62 -18.94 27.77 16.59
C GLY B 62 -17.52 27.27 16.67
N GLU B 63 -17.10 26.47 15.68
CA GLU B 63 -15.75 25.91 15.61
C GLU B 63 -14.96 26.66 14.57
N SER B 64 -13.66 26.76 14.80
CA SER B 64 -12.76 27.11 13.70
C SER B 64 -12.47 25.91 12.79
N ASP B 65 -11.90 26.19 11.61
CA ASP B 65 -11.48 25.11 10.73
C ASP B 65 -10.54 24.19 11.48
N ALA B 66 -9.60 24.77 12.20
CA ALA B 66 -8.58 23.97 12.90
C ALA B 66 -9.21 23.12 14.02
N ASP B 67 -10.16 23.69 14.72
CA ASP B 67 -10.87 22.98 15.79
C ASP B 67 -11.54 21.73 15.18
N ALA B 68 -12.24 21.96 14.08
CA ALA B 68 -13.05 20.92 13.46
C ALA B 68 -12.14 19.82 12.92
N LEU B 69 -11.08 20.21 12.23
CA LEU B 69 -10.23 19.22 11.59
C LEU B 69 -9.51 18.39 12.67
N ALA B 70 -8.96 19.05 13.70
CA ALA B 70 -8.28 18.32 14.76
C ALA B 70 -9.26 17.39 15.48
N ARG B 71 -10.49 17.84 15.70
CA ARG B 71 -11.49 17.01 16.34
C ARG B 71 -11.79 15.77 15.48
N GLU B 72 -11.98 15.98 14.19
CA GLU B 72 -12.32 14.88 13.31
C GLU B 72 -11.19 13.88 13.23
N LEU B 73 -9.95 14.35 13.24
CA LEU B 73 -8.84 13.41 13.12
C LEU B 73 -8.61 12.67 14.45
N ARG B 74 -8.92 13.33 15.56
CA ARG B 74 -8.87 12.67 16.86
C ARG B 74 -9.95 11.59 16.94
N GLU B 75 -11.17 11.96 16.57
CA GLU B 75 -12.31 11.07 16.67
C GLU B 75 -12.21 9.92 15.68
N GLU B 76 -11.90 10.24 14.42
CA GLU B 76 -11.92 9.24 13.32
C GLU B 76 -10.66 8.40 13.28
N LEU B 77 -9.52 8.97 13.66
CA LEU B 77 -8.24 8.28 13.50
C LEU B 77 -7.49 7.99 14.78
N GLY B 78 -7.87 8.66 15.86
CA GLY B 78 -7.17 8.52 17.12
C GLY B 78 -5.81 9.18 17.17
N VAL B 79 -5.64 10.26 16.40
CA VAL B 79 -4.38 10.99 16.44
C VAL B 79 -4.58 12.44 16.82
N ASP B 80 -3.49 13.02 17.35
CA ASP B 80 -3.44 14.43 17.74
C ASP B 80 -2.57 15.15 16.72
N VAL B 81 -3.16 16.13 16.04
CA VAL B 81 -2.46 16.87 14.97
C VAL B 81 -2.42 18.38 15.25
N ALA B 82 -1.43 19.00 14.62
CA ALA B 82 -1.39 20.44 14.46
C ALA B 82 -1.82 20.78 13.04
N VAL B 83 -2.70 21.78 12.91
CA VAL B 83 -3.25 22.19 11.62
C VAL B 83 -2.42 23.35 11.05
N GLY B 84 -1.96 23.18 9.82
CA GLY B 84 -1.09 24.13 9.17
C GLY B 84 -1.78 24.91 8.06
N GLU B 85 -1.04 25.10 6.96
CA GLU B 85 -1.47 25.92 5.85
C GLU B 85 -2.46 25.18 4.98
N ARG B 86 -3.22 25.92 4.18
CA ARG B 86 -4.03 25.34 3.14
C ARG B 86 -3.20 24.53 2.16
N LEU B 87 -3.80 23.47 1.65
CA LEU B 87 -3.21 22.71 0.54
C LEU B 87 -4.20 22.74 -0.63
N GLY B 88 -3.72 23.23 -1.76
CA GLY B 88 -4.49 23.23 -2.98
C GLY B 88 -5.68 24.17 -2.92
N ALA B 89 -6.54 24.09 -3.92
CA ALA B 89 -7.67 25.02 -4.00
C ALA B 89 -8.86 24.44 -3.27
N ASP B 90 -9.80 25.31 -2.91
CA ASP B 90 -11.09 24.83 -2.46
C ASP B 90 -11.83 24.11 -3.60
N VAL B 91 -12.60 23.09 -3.22
CA VAL B 91 -13.41 22.35 -4.19
C VAL B 91 -14.88 22.61 -3.92
N ALA B 92 -15.62 23.06 -4.92
CA ALA B 92 -17.06 23.21 -4.77
C ALA B 92 -17.73 21.85 -4.88
N LEU B 93 -18.37 21.38 -3.82
CA LEU B 93 -19.02 20.08 -3.84
C LEU B 93 -20.36 20.28 -4.50
N ASN B 94 -20.99 21.39 -4.14
CA ASN B 94 -22.16 21.86 -4.84
C ASN B 94 -22.36 23.32 -4.45
N ASP B 95 -23.52 23.88 -4.80
CA ASP B 95 -23.86 25.23 -4.41
C ASP B 95 -24.01 25.36 -2.88
N ALA B 96 -24.04 24.23 -2.16
CA ALA B 96 -24.26 24.25 -0.70
C ALA B 96 -22.97 24.07 0.10
N MET B 97 -21.97 23.39 -0.45
CA MET B 97 -20.81 22.99 0.33
C MET B 97 -19.50 23.25 -0.38
N THR B 98 -18.49 23.55 0.42
CA THR B 98 -17.13 23.69 -0.05
C THR B 98 -16.19 22.82 0.74
N LEU B 99 -15.30 22.15 0.02
CA LEU B 99 -14.30 21.25 0.60
C LEU B 99 -12.93 21.93 0.55
N ARG B 100 -12.25 21.93 1.69
CA ARG B 100 -10.94 22.56 1.83
C ARG B 100 -9.98 21.60 2.52
N ALA B 101 -8.76 21.56 1.99
CA ALA B 101 -7.68 20.79 2.59
C ALA B 101 -6.65 21.67 3.29
N TYR B 102 -6.19 21.17 4.45
CA TYR B 102 -5.08 21.74 5.16
C TYR B 102 -3.99 20.69 5.32
N ARG B 103 -2.73 21.16 5.30
CA ARG B 103 -1.63 20.33 5.73
C ARG B 103 -1.70 20.22 7.25
N VAL B 104 -1.56 19.01 7.76
CA VAL B 104 -1.49 18.75 9.19
C VAL B 104 -0.23 17.98 9.53
N THR B 105 0.22 18.15 10.76
CA THR B 105 1.39 17.45 11.25
C THR B 105 1.01 16.59 12.46
N LEU B 106 1.50 15.37 12.45
CA LEU B 106 1.23 14.42 13.52
C LEU B 106 2.01 14.82 14.75
N ARG B 107 1.30 15.14 15.83
CA ARG B 107 1.94 15.38 17.13
C ARG B 107 2.16 14.09 17.89
N SER B 108 1.12 13.27 17.97
CA SER B 108 1.28 11.90 18.42
C SER B 108 0.10 11.03 18.02
N GLY B 109 0.30 9.74 18.22
CA GLY B 109 -0.70 8.73 17.96
C GLY B 109 -0.41 8.04 16.66
N SER B 110 -1.09 6.90 16.48
CA SER B 110 -0.95 6.09 15.30
C SER B 110 -2.33 5.92 14.66
N PRO B 111 -2.51 6.40 13.43
CA PRO B 111 -3.85 6.39 12.86
C PRO B 111 -4.48 5.00 12.79
N HIS B 112 -5.74 4.90 13.16
CA HIS B 112 -6.50 3.68 13.09
C HIS B 112 -7.87 3.99 12.53
N PRO B 113 -8.42 3.11 11.67
CA PRO B 113 -9.70 3.42 11.03
C PRO B 113 -10.92 3.16 11.92
N HIS B 114 -11.28 4.14 12.72
CA HIS B 114 -12.45 4.04 13.57
C HIS B 114 -13.75 4.19 12.78
N ASP B 115 -13.70 4.89 11.64
CA ASP B 115 -14.91 5.15 10.81
C ASP B 115 -14.76 4.69 9.34
N HIS B 116 -13.54 4.71 8.87
CA HIS B 116 -13.23 4.41 7.48
C HIS B 116 -13.13 2.90 7.29
N ARG B 117 -13.25 2.48 6.03
CA ARG B 117 -13.06 1.11 5.66
C ARG B 117 -11.58 0.66 5.80
N ALA B 118 -10.66 1.59 5.56
CA ALA B 118 -9.24 1.31 5.59
C ALA B 118 -8.45 2.60 5.65
N LEU B 119 -7.20 2.49 6.07
CA LEU B 119 -6.22 3.59 5.94
C LEU B 119 -5.03 3.06 5.17
N ARG B 120 -4.27 3.96 4.55
CA ARG B 120 -3.05 3.57 3.86
C ARG B 120 -2.11 4.77 3.85
N TRP B 121 -0.80 4.50 3.90
CA TRP B 121 0.22 5.50 3.65
C TRP B 121 0.74 5.32 2.23
N VAL B 122 0.58 6.35 1.41
CA VAL B 122 0.96 6.28 -0.01
C VAL B 122 2.06 7.27 -0.34
N GLY B 123 3.03 6.80 -1.11
CA GLY B 123 4.02 7.68 -1.71
C GLY B 123 3.54 8.30 -3.01
N ALA B 124 4.36 9.20 -3.54
CA ALA B 124 4.02 9.95 -4.75
C ALA B 124 3.78 9.03 -5.92
N ASP B 125 4.42 7.86 -5.92
CA ASP B 125 4.31 6.93 -7.02
C ASP B 125 2.96 6.22 -7.10
N GLU B 126 2.23 6.15 -5.99
CA GLU B 126 0.95 5.43 -5.91
C GLU B 126 -0.24 6.36 -5.85
N ILE B 127 0.02 7.66 -5.71
CA ILE B 127 -1.09 8.61 -5.43
C ILE B 127 -2.06 8.79 -6.59
N ASP B 128 -1.54 8.86 -7.83
CA ASP B 128 -2.43 9.15 -8.97
C ASP B 128 -3.38 7.97 -9.19
N GLY B 129 -2.84 6.77 -9.05
CA GLY B 129 -3.61 5.57 -9.32
C GLY B 129 -4.60 5.14 -8.26
N LEU B 130 -4.52 5.73 -7.08
CA LEU B 130 -5.45 5.44 -6.01
C LEU B 130 -6.87 5.82 -6.49
N ALA B 131 -7.87 5.06 -6.02
CA ALA B 131 -9.25 5.34 -6.34
C ALA B 131 -9.84 6.47 -5.53
N TRP B 132 -9.39 7.69 -5.84
CA TRP B 132 -9.85 8.87 -5.11
C TRP B 132 -11.33 9.15 -5.29
N VAL B 133 -11.95 9.64 -4.24
CA VAL B 133 -13.16 10.41 -4.34
C VAL B 133 -12.94 11.51 -5.39
N PRO B 134 -13.88 11.67 -6.33
CA PRO B 134 -13.65 12.65 -7.41
C PRO B 134 -13.33 14.08 -6.93
N ALA B 135 -13.98 14.56 -5.86
CA ALA B 135 -13.70 15.89 -5.38
C ALA B 135 -12.23 15.99 -4.96
N ASP B 136 -11.81 15.08 -4.08
CA ASP B 136 -10.45 15.11 -3.53
C ASP B 136 -9.34 14.94 -4.57
N ARG B 137 -9.65 14.28 -5.65
CA ARG B 137 -8.67 14.09 -6.69
C ARG B 137 -8.11 15.41 -7.21
N ALA B 138 -8.88 16.49 -7.15
CA ALA B 138 -8.35 17.80 -7.52
C ALA B 138 -7.04 18.14 -6.86
N TRP B 139 -6.82 17.61 -5.66
CA TRP B 139 -5.63 17.93 -4.91
C TRP B 139 -4.39 17.12 -5.26
N VAL B 140 -4.52 16.13 -6.14
CA VAL B 140 -3.42 15.22 -6.37
C VAL B 140 -2.10 15.93 -6.74
N PRO B 141 -2.13 16.88 -7.68
CA PRO B 141 -0.87 17.54 -8.03
C PRO B 141 -0.24 18.31 -6.85
N ASP B 142 -1.08 18.94 -6.06
CA ASP B 142 -0.60 19.61 -4.84
C ASP B 142 -0.05 18.63 -3.81
N LEU B 143 -0.68 17.46 -3.69
CA LEU B 143 -0.19 16.43 -2.78
C LEU B 143 1.15 15.87 -3.23
N VAL B 144 1.28 15.69 -4.54
CA VAL B 144 2.54 15.18 -5.08
C VAL B 144 3.67 16.19 -4.84
N ALA B 145 3.36 17.48 -5.00
CA ALA B 145 4.33 18.52 -4.76
C ALA B 145 4.70 18.55 -3.28
N ALA B 146 3.72 18.46 -2.40
CA ALA B 146 3.99 18.38 -0.97
C ALA B 146 4.89 17.21 -0.58
N LEU B 147 4.69 16.06 -1.23
CA LEU B 147 5.46 14.85 -0.95
C LEU B 147 6.87 14.98 -1.49
N SER B 148 7.11 15.92 -2.39
CA SER B 148 8.47 16.15 -2.89
C SER B 148 9.26 17.28 -2.19
N GLY B 149 8.65 17.93 -1.20
CA GLY B 149 9.29 19.02 -0.47
C GLY B 149 8.88 20.39 -0.97
#